data_5HZP
#
_entry.id   5HZP
#
_cell.length_a   78.068
_cell.length_b   78.068
_cell.length_c   345.343
_cell.angle_alpha   90.00
_cell.angle_beta   90.00
_cell.angle_gamma   90.00
#
_symmetry.space_group_name_H-M   'P 43 21 2'
#
loop_
_entity.id
_entity.type
_entity.pdbx_description
1 polymer 'M protein, serotype 49'
2 polymer 'C4b-binding protein alpha chain'
3 non-polymer 'PHOSPHATE ION'
4 water water
#
loop_
_entity_poly.entity_id
_entity_poly.type
_entity_poly.pdbx_seq_one_letter_code
_entity_poly.pdbx_strand_id
1 'polypeptide(L)'
;GPGSAEKKVEAKVEVAENNVSSVARREKELYDQIADLTDKNGEYLERIGELEERQKNLEKLEHQSQVAADKHYQEQAKKH
QEYKQEQEER
;
C,A
2 'polypeptide(L)'
;GPGSNCGPPPTLSFAAP(MSE)DITLTETRFKTGTT(MSE)KYTCLPGYVRSHSTQT(MSE)TCNSDGEWVYNTFCIYKR
CRHPGELRNGQVEIKTDLSFGSQIEFSCSEGFFLIGSTTSRCEVQDRGVGWSHPLPQCEI
;
B,D
#
# COMPACT_ATOMS: atom_id res chain seq x y z
N ASN A 19 23.02 5.61 29.49
CA ASN A 19 22.11 4.50 29.18
C ASN A 19 22.27 3.96 27.75
N VAL A 20 22.09 2.65 27.62
CA VAL A 20 22.20 1.97 26.33
C VAL A 20 20.93 1.13 26.16
N SER A 21 20.05 1.24 27.15
CA SER A 21 18.73 0.61 27.12
C SER A 21 17.72 1.42 26.29
N SER A 22 17.97 2.71 26.14
CA SER A 22 17.09 3.58 25.36
C SER A 22 17.68 3.86 23.98
N VAL A 23 18.78 3.20 23.67
CA VAL A 23 19.35 3.24 22.32
C VAL A 23 19.13 1.87 21.69
N ALA A 24 18.81 0.91 22.54
CA ALA A 24 18.50 -0.42 22.08
C ALA A 24 17.00 -0.60 22.13
N ARG A 25 16.32 0.37 22.76
CA ARG A 25 14.87 0.45 22.65
C ARG A 25 14.62 1.14 21.33
N ARG A 26 15.58 1.97 20.94
CA ARG A 26 15.55 2.61 19.64
C ARG A 26 15.77 1.62 18.50
N GLU A 27 16.63 0.62 18.70
CA GLU A 27 16.76 -0.48 17.75
C GLU A 27 15.38 -1.04 17.47
N LYS A 28 14.72 -1.51 18.52
CA LYS A 28 13.45 -2.18 18.37
C LYS A 28 12.43 -1.19 17.80
N GLU A 29 12.37 0.02 18.36
CA GLU A 29 11.40 1.01 17.93
C GLU A 29 11.50 1.33 16.42
N LEU A 30 12.71 1.35 15.86
CA LEU A 30 12.87 1.55 14.44
C LEU A 30 12.56 0.31 13.65
N TYR A 31 13.18 -0.79 14.04
CA TYR A 31 13.06 -2.04 13.32
C TYR A 31 11.60 -2.48 13.28
N ASP A 32 10.84 -2.04 14.28
CA ASP A 32 9.41 -2.25 14.34
C ASP A 32 8.65 -1.42 13.28
N GLN A 33 9.04 -0.18 13.05
CA GLN A 33 8.45 0.60 11.98
C GLN A 33 8.70 -0.12 10.66
N ILE A 34 9.97 -0.37 10.34
CA ILE A 34 10.33 -1.03 9.09
C ILE A 34 9.61 -2.37 8.94
N ALA A 35 9.11 -2.95 10.02
CA ALA A 35 8.29 -4.13 9.83
C ALA A 35 6.87 -3.71 9.46
N ASP A 36 6.19 -3.05 10.41
CA ASP A 36 4.77 -2.68 10.30
C ASP A 36 4.51 -1.70 9.17
N LEU A 37 5.53 -1.45 8.36
CA LEU A 37 5.41 -0.60 7.19
C LEU A 37 5.57 -1.50 6.01
N THR A 38 6.69 -2.22 5.99
CA THR A 38 6.98 -3.20 4.98
C THR A 38 5.78 -4.15 4.78
N ASP A 39 5.07 -4.41 5.87
CA ASP A 39 3.96 -5.33 5.84
C ASP A 39 2.71 -4.68 5.27
N LYS A 40 2.52 -3.40 5.54
CA LYS A 40 1.30 -2.77 5.05
C LYS A 40 1.57 -2.21 3.65
N ASN A 41 2.84 -2.17 3.26
CA ASN A 41 3.19 -1.99 1.85
C ASN A 41 2.65 -3.11 1.01
N GLY A 42 2.73 -4.33 1.51
CA GLY A 42 2.37 -5.49 0.73
C GLY A 42 0.90 -5.83 0.88
N GLU A 43 0.17 -5.02 1.64
CA GLU A 43 -1.26 -5.25 1.81
C GLU A 43 -2.01 -4.18 1.03
N TYR A 44 -1.28 -3.18 0.58
CA TYR A 44 -1.85 -2.14 -0.22
C TYR A 44 -1.70 -2.65 -1.65
N LEU A 45 -0.59 -3.32 -1.88
CA LEU A 45 -0.39 -4.06 -3.11
C LEU A 45 -1.42 -5.21 -3.26
N GLU A 46 -1.73 -5.87 -2.14
CA GLU A 46 -2.73 -6.93 -2.14
C GLU A 46 -4.06 -6.35 -2.61
N ARG A 47 -4.30 -5.09 -2.29
CA ARG A 47 -5.58 -4.47 -2.52
C ARG A 47 -5.65 -4.00 -3.97
N ILE A 48 -4.57 -3.35 -4.41
CA ILE A 48 -4.45 -2.93 -5.80
C ILE A 48 -4.58 -4.15 -6.72
N GLY A 49 -4.05 -5.28 -6.27
CA GLY A 49 -4.26 -6.52 -6.99
C GLY A 49 -5.74 -6.85 -7.16
N GLU A 50 -6.43 -7.07 -6.03
CA GLU A 50 -7.85 -7.39 -5.99
C GLU A 50 -8.64 -6.39 -6.83
N LEU A 51 -8.22 -5.14 -6.80
CA LEU A 51 -9.00 -4.09 -7.44
C LEU A 51 -8.71 -4.03 -8.93
N GLU A 52 -7.43 -4.03 -9.29
CA GLU A 52 -7.07 -4.02 -10.71
C GLU A 52 -7.64 -5.24 -11.42
N GLU A 53 -7.89 -6.29 -10.66
CA GLU A 53 -8.42 -7.53 -11.18
C GLU A 53 -9.92 -7.35 -11.44
N ARG A 54 -10.66 -7.14 -10.36
CA ARG A 54 -12.07 -6.79 -10.37
C ARG A 54 -12.45 -5.87 -11.51
N GLN A 55 -11.67 -4.81 -11.70
CA GLN A 55 -11.99 -3.83 -12.73
C GLN A 55 -11.84 -4.42 -14.13
N LYS A 56 -11.15 -5.54 -14.23
CA LYS A 56 -10.96 -6.20 -15.50
C LYS A 56 -12.08 -7.22 -15.71
N ASN A 57 -12.51 -7.82 -14.62
CA ASN A 57 -13.60 -8.75 -14.63
C ASN A 57 -14.93 -8.06 -14.86
N LEU A 58 -14.96 -6.75 -14.64
CA LEU A 58 -16.18 -5.99 -14.80
C LEU A 58 -16.24 -5.53 -16.21
N GLU A 59 -15.12 -5.08 -16.72
CA GLU A 59 -15.08 -4.57 -18.06
C GLU A 59 -15.43 -5.67 -19.04
N LYS A 60 -15.28 -6.92 -18.64
CA LYS A 60 -15.62 -8.02 -19.53
C LYS A 60 -17.06 -8.41 -19.28
N LEU A 61 -17.57 -8.08 -18.10
CA LEU A 61 -18.95 -8.39 -17.80
C LEU A 61 -19.85 -7.45 -18.58
N GLU A 62 -19.44 -6.19 -18.65
CA GLU A 62 -20.26 -5.20 -19.29
C GLU A 62 -20.10 -5.37 -20.78
N HIS A 63 -18.91 -5.77 -21.19
CA HIS A 63 -18.68 -6.04 -22.61
C HIS A 63 -19.55 -7.16 -23.11
N GLN A 64 -19.58 -8.27 -22.38
CA GLN A 64 -20.39 -9.39 -22.77
C GLN A 64 -21.88 -9.06 -22.73
N SER A 65 -22.22 -7.92 -22.14
CA SER A 65 -23.61 -7.53 -22.02
C SER A 65 -23.97 -6.60 -23.15
N GLN A 66 -22.99 -6.21 -23.95
CA GLN A 66 -23.26 -5.32 -25.04
C GLN A 66 -23.33 -6.20 -26.25
N VAL A 67 -22.47 -7.20 -26.30
CA VAL A 67 -22.52 -8.11 -27.42
C VAL A 67 -23.79 -8.96 -27.36
N ALA A 68 -24.37 -9.13 -26.18
CA ALA A 68 -25.59 -9.89 -26.05
C ALA A 68 -26.72 -8.99 -26.49
N ALA A 69 -26.60 -7.72 -26.09
CA ALA A 69 -27.61 -6.73 -26.43
C ALA A 69 -27.59 -6.48 -27.94
N ASP A 70 -26.39 -6.39 -28.50
CA ASP A 70 -26.24 -6.22 -29.94
C ASP A 70 -26.80 -7.42 -30.68
N LYS A 71 -26.65 -8.61 -30.12
CA LYS A 71 -27.20 -9.80 -30.76
C LYS A 71 -28.72 -9.72 -30.84
N HIS A 72 -29.39 -9.88 -29.70
CA HIS A 72 -30.83 -9.77 -29.59
C HIS A 72 -31.45 -8.61 -30.33
N TYR A 73 -30.71 -7.55 -30.55
CA TYR A 73 -31.23 -6.46 -31.35
C TYR A 73 -31.26 -6.87 -32.80
N GLN A 74 -30.10 -7.25 -33.29
CA GLN A 74 -29.95 -7.88 -34.60
C GLN A 74 -30.92 -9.05 -34.85
N GLU A 75 -31.42 -9.69 -33.80
CA GLU A 75 -32.37 -10.76 -33.99
C GLU A 75 -33.77 -10.14 -34.15
N GLN A 76 -34.07 -9.16 -33.32
CA GLN A 76 -35.34 -8.46 -33.43
C GLN A 76 -35.49 -7.75 -34.77
N ALA A 77 -34.39 -7.19 -35.27
CA ALA A 77 -34.46 -6.42 -36.50
C ALA A 77 -34.77 -7.35 -37.65
N LYS A 78 -34.44 -8.62 -37.45
CA LYS A 78 -34.77 -9.65 -38.41
C LYS A 78 -36.26 -10.01 -38.26
N LYS A 79 -36.67 -10.32 -37.05
CA LYS A 79 -38.05 -10.71 -36.76
C LYS A 79 -39.06 -9.56 -37.03
N HIS A 80 -38.56 -8.48 -37.60
CA HIS A 80 -39.36 -7.30 -37.94
C HIS A 80 -39.57 -7.32 -39.44
N GLN A 81 -38.45 -7.41 -40.14
CA GLN A 81 -38.44 -7.52 -41.58
C GLN A 81 -39.27 -8.72 -42.03
N GLU A 82 -39.17 -9.84 -41.33
CA GLU A 82 -40.04 -10.98 -41.55
C GLU A 82 -41.52 -10.59 -41.38
N TYR A 83 -41.79 -9.73 -40.42
CA TYR A 83 -43.15 -9.30 -40.14
C TYR A 83 -43.62 -8.33 -41.22
N LYS A 84 -42.93 -7.21 -41.38
CA LYS A 84 -43.20 -6.27 -42.45
C LYS A 84 -43.42 -6.97 -43.80
N GLN A 85 -42.67 -8.05 -44.02
CA GLN A 85 -42.72 -8.82 -45.26
C GLN A 85 -43.88 -9.81 -45.24
N GLU A 86 -44.82 -9.60 -44.35
CA GLU A 86 -45.98 -10.46 -44.26
C GLU A 86 -47.24 -9.58 -44.32
N GLN A 87 -47.13 -8.33 -43.88
CA GLN A 87 -48.16 -7.31 -44.11
C GLN A 87 -48.31 -7.07 -45.59
N GLU A 88 -47.24 -7.37 -46.33
CA GLU A 88 -47.31 -7.38 -47.79
C GLU A 88 -47.63 -8.79 -48.31
N GLU A 89 -47.22 -9.82 -47.55
CA GLU A 89 -47.48 -11.23 -47.90
C GLU A 89 -48.53 -11.90 -47.01
N ASN B 19 33.83 1.12 12.82
CA ASN B 19 32.81 0.78 13.80
C ASN B 19 31.90 1.97 14.12
N VAL B 20 32.50 3.10 14.51
CA VAL B 20 31.76 4.33 14.77
C VAL B 20 31.00 4.77 13.50
N SER B 21 31.57 4.42 12.35
CA SER B 21 31.10 4.90 11.05
C SER B 21 30.23 3.88 10.29
N SER B 22 30.11 2.66 10.82
CA SER B 22 29.22 1.69 10.20
C SER B 22 27.92 1.62 10.99
N VAL B 23 28.00 1.82 12.30
CA VAL B 23 26.81 1.88 13.16
C VAL B 23 25.94 3.07 12.79
N ALA B 24 26.58 4.21 12.57
CA ALA B 24 25.86 5.42 12.22
C ALA B 24 25.40 5.34 10.78
N ARG B 25 25.92 4.34 10.06
CA ARG B 25 25.52 4.08 8.69
C ARG B 25 24.23 3.27 8.70
N ARG B 26 24.13 2.29 9.60
CA ARG B 26 22.89 1.57 9.75
C ARG B 26 21.77 2.51 10.18
N GLU B 27 22.08 3.40 11.11
CA GLU B 27 21.10 4.37 11.57
C GLU B 27 20.59 5.23 10.40
N LYS B 28 21.44 5.45 9.41
CA LYS B 28 21.04 6.21 8.24
C LYS B 28 20.10 5.35 7.40
N GLU B 29 20.55 4.14 7.10
CA GLU B 29 19.78 3.15 6.34
C GLU B 29 18.35 2.93 6.85
N LEU B 30 18.21 2.71 8.15
CA LEU B 30 16.90 2.54 8.77
C LEU B 30 16.00 3.76 8.60
N TYR B 31 16.57 4.94 8.76
CA TYR B 31 15.80 6.17 8.74
C TYR B 31 15.46 6.57 7.30
N ASP B 32 16.28 6.06 6.38
CA ASP B 32 16.13 6.23 4.96
C ASP B 32 14.99 5.36 4.52
N GLN B 33 14.98 4.11 4.98
CA GLN B 33 13.90 3.20 4.70
C GLN B 33 12.56 3.69 5.24
N ILE B 34 12.50 4.15 6.49
CA ILE B 34 11.22 4.54 7.07
C ILE B 34 10.57 5.68 6.29
N ALA B 35 11.35 6.64 5.83
CA ALA B 35 10.75 7.74 5.10
C ALA B 35 10.21 7.25 3.77
N ASP B 36 10.83 6.19 3.25
CA ASP B 36 10.46 5.68 1.96
C ASP B 36 9.23 4.79 2.04
N LEU B 37 9.21 3.89 3.00
CA LEU B 37 8.02 3.10 3.20
C LEU B 37 6.79 3.98 3.43
N THR B 38 6.90 5.01 4.25
CA THR B 38 5.70 5.82 4.50
C THR B 38 5.35 6.58 3.22
N ASP B 39 6.28 6.63 2.27
CA ASP B 39 6.02 7.27 0.97
C ASP B 39 5.34 6.32 -0.04
N LYS B 40 5.89 5.11 -0.18
CA LYS B 40 5.24 4.04 -0.91
C LYS B 40 3.83 3.91 -0.38
N ASN B 41 3.69 3.63 0.91
CA ASN B 41 2.40 3.68 1.59
C ASN B 41 1.49 4.81 1.13
N GLY B 42 2.06 5.90 0.65
CA GLY B 42 1.25 7.01 0.22
C GLY B 42 0.81 6.86 -1.22
N GLU B 43 1.74 6.47 -2.09
CA GLU B 43 1.45 6.24 -3.50
C GLU B 43 0.46 5.09 -3.63
N TYR B 44 0.46 4.19 -2.67
CA TYR B 44 -0.35 3.01 -2.82
C TYR B 44 -1.81 3.35 -2.57
N LEU B 45 -2.16 3.90 -1.42
CA LEU B 45 -3.59 4.17 -1.23
C LEU B 45 -4.02 5.46 -1.96
N GLU B 46 -3.11 5.97 -2.79
CA GLU B 46 -3.45 6.98 -3.76
C GLU B 46 -4.14 6.25 -4.89
N ARG B 47 -3.66 5.05 -5.18
CA ARG B 47 -4.15 4.26 -6.29
C ARG B 47 -5.42 3.55 -5.88
N ILE B 48 -5.45 3.01 -4.66
CA ILE B 48 -6.65 2.30 -4.23
C ILE B 48 -7.74 3.31 -3.91
N GLY B 49 -7.38 4.58 -3.82
CA GLY B 49 -8.38 5.60 -3.65
C GLY B 49 -9.10 5.85 -4.96
N GLU B 50 -8.34 5.79 -6.05
CA GLU B 50 -8.86 6.13 -7.35
C GLU B 50 -9.56 4.93 -7.99
N LEU B 51 -9.13 3.72 -7.65
CA LEU B 51 -9.83 2.53 -8.13
C LEU B 51 -11.15 2.40 -7.41
N GLU B 52 -11.13 2.57 -6.09
CA GLU B 52 -12.36 2.50 -5.31
C GLU B 52 -13.36 3.56 -5.77
N GLU B 53 -12.85 4.59 -6.46
CA GLU B 53 -13.69 5.65 -6.98
C GLU B 53 -14.38 5.25 -8.29
N ARG B 54 -13.60 4.90 -9.31
CA ARG B 54 -14.14 4.33 -10.55
C ARG B 54 -15.15 3.26 -10.22
N GLN B 55 -14.72 2.28 -9.46
CA GLN B 55 -15.59 1.16 -9.15
C GLN B 55 -16.84 1.56 -8.40
N LYS B 56 -16.92 2.82 -7.97
CA LYS B 56 -18.16 3.30 -7.38
C LYS B 56 -18.98 3.95 -8.47
N ASN B 57 -18.27 4.53 -9.43
CA ASN B 57 -18.86 5.16 -10.58
C ASN B 57 -19.43 4.09 -11.51
N LEU B 58 -18.58 3.19 -11.96
CA LEU B 58 -19.00 2.03 -12.72
C LEU B 58 -20.17 1.27 -12.07
N GLU B 59 -20.20 1.16 -10.75
CA GLU B 59 -21.30 0.46 -10.10
C GLU B 59 -22.61 1.21 -10.35
N LYS B 60 -22.52 2.53 -10.42
CA LYS B 60 -23.72 3.34 -10.56
C LYS B 60 -24.16 3.36 -12.03
N LEU B 61 -23.20 3.49 -12.93
CA LEU B 61 -23.45 3.42 -14.34
C LEU B 61 -24.19 2.12 -14.72
N GLU B 62 -23.59 0.97 -14.41
CA GLU B 62 -24.18 -0.31 -14.76
C GLU B 62 -25.57 -0.40 -14.15
N HIS B 63 -25.73 0.21 -12.99
CA HIS B 63 -27.03 0.15 -12.32
C HIS B 63 -28.06 0.89 -13.13
N GLN B 64 -27.68 2.11 -13.51
CA GLN B 64 -28.52 2.96 -14.29
C GLN B 64 -28.99 2.24 -15.58
N SER B 65 -28.03 1.67 -16.32
CA SER B 65 -28.31 0.83 -17.48
C SER B 65 -29.36 -0.24 -17.18
N GLN B 66 -29.21 -0.97 -16.09
CA GLN B 66 -30.12 -2.07 -15.81
C GLN B 66 -31.52 -1.54 -15.52
N VAL B 67 -31.59 -0.46 -14.76
CA VAL B 67 -32.87 0.06 -14.33
C VAL B 67 -33.64 0.64 -15.52
N ALA B 68 -32.91 0.88 -16.60
CA ALA B 68 -33.47 1.36 -17.84
C ALA B 68 -34.00 0.17 -18.66
N ALA B 69 -33.09 -0.71 -19.04
CA ALA B 69 -33.42 -1.99 -19.64
C ALA B 69 -34.43 -2.83 -18.86
N ASP B 70 -35.02 -2.25 -17.82
CA ASP B 70 -36.05 -2.94 -17.06
C ASP B 70 -37.31 -2.13 -17.19
N LYS B 71 -37.12 -0.83 -17.34
CA LYS B 71 -38.22 0.07 -17.64
C LYS B 71 -38.74 -0.35 -18.99
N HIS B 72 -37.83 -0.55 -19.93
CA HIS B 72 -38.18 -0.89 -21.30
C HIS B 72 -38.74 -2.28 -21.44
N TYR B 73 -38.17 -3.24 -20.74
CA TYR B 73 -38.71 -4.58 -20.85
C TYR B 73 -40.15 -4.59 -20.36
N GLN B 74 -40.46 -3.69 -19.44
CA GLN B 74 -41.77 -3.64 -18.83
C GLN B 74 -42.78 -3.00 -19.78
N GLU B 75 -42.29 -2.08 -20.59
CA GLU B 75 -43.14 -1.37 -21.52
C GLU B 75 -43.47 -2.29 -22.71
N GLN B 76 -42.47 -2.74 -23.45
CA GLN B 76 -42.64 -3.84 -24.40
C GLN B 76 -43.48 -4.99 -23.89
N ALA B 77 -43.64 -5.15 -22.58
CA ALA B 77 -44.45 -6.27 -22.11
C ALA B 77 -45.91 -5.88 -22.09
N LYS B 78 -46.15 -4.57 -22.06
CA LYS B 78 -47.51 -4.06 -22.10
C LYS B 78 -47.92 -3.96 -23.58
N LYS B 79 -46.96 -3.60 -24.42
CA LYS B 79 -47.21 -3.46 -25.84
C LYS B 79 -47.53 -4.79 -26.51
N HIS B 80 -47.15 -5.89 -25.88
CA HIS B 80 -47.44 -7.21 -26.43
C HIS B 80 -48.72 -7.70 -25.81
N GLN B 81 -49.11 -7.05 -24.72
CA GLN B 81 -50.37 -7.37 -24.09
C GLN B 81 -51.47 -6.69 -24.89
N GLU B 82 -51.16 -5.52 -25.43
CA GLU B 82 -52.08 -4.77 -26.28
C GLU B 82 -52.32 -5.52 -27.57
N TYR B 83 -51.22 -5.99 -28.18
CA TYR B 83 -51.28 -6.80 -29.37
C TYR B 83 -52.25 -7.95 -29.12
N LYS B 84 -51.88 -8.87 -28.22
CA LYS B 84 -52.69 -10.06 -27.95
C LYS B 84 -54.20 -9.76 -27.92
N GLN B 85 -54.54 -8.57 -27.42
CA GLN B 85 -55.94 -8.14 -27.33
C GLN B 85 -56.51 -7.80 -28.71
N GLU B 86 -55.87 -6.86 -29.39
CA GLU B 86 -56.25 -6.43 -30.75
C GLU B 86 -56.40 -7.60 -31.71
N GLN B 87 -55.75 -8.71 -31.40
CA GLN B 87 -55.91 -9.94 -32.14
C GLN B 87 -57.22 -10.66 -31.86
N GLU B 88 -58.18 -9.93 -31.31
CA GLU B 88 -59.60 -10.29 -31.45
C GLU B 88 -60.36 -9.02 -31.87
N GLU B 89 -59.98 -7.89 -31.27
CA GLU B 89 -60.62 -6.61 -31.55
C GLU B 89 -60.15 -6.00 -32.89
N SER C 4 -31.32 19.17 13.56
CA SER C 4 -30.80 17.82 13.50
C SER C 4 -29.89 17.63 12.27
N ASN C 5 -29.17 18.68 11.90
CA ASN C 5 -28.33 18.66 10.70
C ASN C 5 -26.97 19.35 10.90
N CYS C 6 -26.19 19.45 9.82
CA CYS C 6 -24.75 19.71 9.89
C CYS C 6 -24.32 21.17 9.73
N GLY C 7 -23.54 21.66 10.70
CA GLY C 7 -22.98 23.01 10.60
C GLY C 7 -21.73 23.06 9.74
N PRO C 8 -20.96 24.15 9.83
CA PRO C 8 -19.73 24.37 9.06
C PRO C 8 -18.64 23.34 9.40
N PRO C 9 -17.68 23.12 8.49
CA PRO C 9 -16.60 22.13 8.68
C PRO C 9 -15.51 22.55 9.66
N PRO C 10 -15.07 21.63 10.53
CA PRO C 10 -13.99 21.88 11.48
C PRO C 10 -12.63 21.91 10.79
N THR C 11 -11.84 22.94 11.08
CA THR C 11 -10.50 23.07 10.49
C THR C 11 -9.62 21.89 10.89
N LEU C 12 -8.86 21.37 9.92
CA LEU C 12 -8.00 20.20 10.15
C LEU C 12 -6.54 20.58 10.10
N SER C 13 -5.69 19.84 10.81
CA SER C 13 -4.27 20.17 10.84
C SER C 13 -3.55 19.59 9.63
N PHE C 14 -4.18 18.62 8.96
CA PHE C 14 -3.50 17.83 7.94
C PHE C 14 -4.14 17.86 6.53
N ALA C 15 -5.34 18.42 6.40
CA ALA C 15 -6.01 18.37 5.12
C ALA C 15 -6.81 19.63 4.81
N ALA C 16 -6.95 19.90 3.52
CA ALA C 16 -7.72 21.03 3.04
C ALA C 16 -8.78 20.55 2.04
N PRO C 17 -9.84 21.35 1.85
CA PRO C 17 -10.89 20.89 0.94
C PRO C 17 -10.41 20.85 -0.51
N ASP C 19 -12.98 21.24 -3.00
CA ASP C 19 -13.99 22.14 -3.59
C ASP C 19 -14.41 23.23 -2.60
N ILE C 20 -13.94 24.45 -2.84
CA ILE C 20 -13.83 25.54 -1.83
C ILE C 20 -14.98 25.67 -0.81
N THR C 21 -14.60 26.09 0.40
CA THR C 21 -15.52 26.30 1.51
C THR C 21 -16.05 27.73 1.54
N LEU C 22 -17.34 27.88 1.27
CA LEU C 22 -18.00 29.17 1.41
C LEU C 22 -18.63 29.25 2.81
N THR C 23 -18.44 28.19 3.58
CA THR C 23 -18.98 28.05 4.94
C THR C 23 -20.45 28.50 5.03
N GLU C 24 -21.34 27.72 4.42
CA GLU C 24 -22.76 27.96 4.51
C GLU C 24 -23.20 27.77 5.95
N THR C 25 -24.26 28.46 6.36
CA THR C 25 -24.81 28.35 7.72
C THR C 25 -24.98 26.88 8.14
N ARG C 26 -25.23 26.02 7.16
CA ARG C 26 -25.39 24.60 7.41
C ARG C 26 -25.13 23.74 6.16
N PHE C 27 -25.08 22.43 6.35
CA PHE C 27 -24.95 21.48 5.26
C PHE C 27 -26.01 20.39 5.40
N LYS C 28 -26.34 19.71 4.31
CA LYS C 28 -27.38 18.69 4.33
C LYS C 28 -26.85 17.40 4.97
N THR C 29 -27.68 16.76 5.80
CA THR C 29 -27.30 15.51 6.45
C THR C 29 -26.98 14.43 5.42
N GLY C 30 -25.73 13.98 5.39
CA GLY C 30 -25.31 12.95 4.46
C GLY C 30 -24.29 13.39 3.43
N THR C 31 -24.12 14.70 3.28
CA THR C 31 -23.18 15.23 2.29
C THR C 31 -21.75 14.96 2.70
N THR C 32 -20.96 14.46 1.76
CA THR C 32 -19.56 14.14 2.01
C THR C 32 -18.64 15.09 1.25
N LYS C 34 -14.83 16.53 -0.01
CA LYS C 34 -13.55 16.01 -0.52
C LYS C 34 -12.33 16.78 0.02
N TYR C 35 -11.37 16.05 0.59
CA TYR C 35 -10.16 16.68 1.12
C TYR C 35 -8.87 16.23 0.47
N THR C 36 -7.92 17.16 0.40
CA THR C 36 -6.59 16.89 -0.13
C THR C 36 -5.57 16.96 1.00
N CYS C 37 -4.38 16.40 0.80
CA CYS C 37 -3.33 16.45 1.83
C CYS C 37 -2.62 17.78 1.87
N LEU C 38 -2.41 18.31 3.08
CA LEU C 38 -1.63 19.52 3.24
C LEU C 38 -0.18 19.23 2.87
N PRO C 39 0.56 20.24 2.40
CA PRO C 39 2.00 20.03 2.16
C PRO C 39 2.71 19.57 3.44
N GLY C 40 3.47 18.50 3.32
CA GLY C 40 4.14 17.94 4.48
C GLY C 40 3.49 16.69 5.00
N TYR C 41 2.28 16.43 4.50
CA TYR C 41 1.53 15.25 4.91
C TYR C 41 1.36 14.27 3.78
N VAL C 42 1.24 12.99 4.12
CA VAL C 42 0.78 12.00 3.16
C VAL C 42 -0.40 11.29 3.75
N ARG C 43 -0.92 10.34 2.99
CA ARG C 43 -2.18 9.71 3.33
C ARG C 43 -1.90 8.42 4.03
N SER C 44 -2.66 8.15 5.08
CA SER C 44 -2.59 6.90 5.83
C SER C 44 -3.80 6.03 5.52
N HIS C 45 -4.83 6.65 4.95
CA HIS C 45 -6.08 5.96 4.65
C HIS C 45 -6.49 6.11 3.18
N SER C 46 -7.10 5.07 2.63
CA SER C 46 -7.61 5.07 1.25
C SER C 46 -8.52 6.24 0.93
N THR C 47 -9.59 6.39 1.70
CA THR C 47 -10.58 7.43 1.42
C THR C 47 -10.25 8.76 2.12
N GLN C 48 -10.38 9.85 1.35
CA GLN C 48 -9.94 11.17 1.79
C GLN C 48 -11.07 12.17 2.05
N THR C 49 -12.03 11.82 2.89
CA THR C 49 -13.20 12.67 3.06
C THR C 49 -13.75 12.77 4.48
N THR C 51 -18.07 12.96 6.09
CA THR C 51 -19.49 13.11 5.77
C THR C 51 -20.26 13.80 6.88
N CYS C 52 -21.55 14.01 6.66
CA CYS C 52 -22.41 14.60 7.68
C CYS C 52 -23.50 13.61 8.14
N ASN C 53 -23.37 13.12 9.37
CA ASN C 53 -24.28 12.10 9.87
C ASN C 53 -25.65 12.63 10.29
N SER C 54 -26.46 11.71 10.78
CA SER C 54 -27.86 11.98 11.15
C SER C 54 -28.02 12.93 12.33
N ASP C 55 -26.96 13.04 13.14
CA ASP C 55 -26.96 13.94 14.30
C ASP C 55 -26.69 15.38 13.88
N GLY C 56 -25.89 15.52 12.82
CA GLY C 56 -25.53 16.83 12.33
C GLY C 56 -24.10 17.22 12.68
N GLU C 57 -23.20 16.24 12.66
CA GLU C 57 -21.78 16.52 12.85
C GLU C 57 -20.92 15.79 11.81
N TRP C 58 -19.73 16.30 11.55
CA TRP C 58 -18.84 15.66 10.61
C TRP C 58 -18.13 14.51 11.28
N VAL C 59 -18.03 13.39 10.59
CA VAL C 59 -17.45 12.17 11.13
C VAL C 59 -16.47 11.54 10.15
N TYR C 60 -15.29 11.17 10.65
CA TYR C 60 -14.21 10.73 9.79
C TYR C 60 -13.09 10.00 10.53
N ASN C 61 -12.08 9.59 9.76
CA ASN C 61 -10.82 9.07 10.29
C ASN C 61 -9.73 10.11 10.07
N THR C 62 -8.53 9.79 10.55
CA THR C 62 -7.36 10.64 10.30
C THR C 62 -6.64 10.13 9.06
N PHE C 63 -6.90 10.74 7.90
CA PHE C 63 -6.45 10.15 6.65
C PHE C 63 -5.09 10.68 6.20
N CYS C 64 -4.66 11.79 6.77
CA CYS C 64 -3.29 12.21 6.49
C CYS C 64 -2.43 12.22 7.75
N ILE C 65 -1.23 11.66 7.64
CA ILE C 65 -0.22 11.71 8.71
C ILE C 65 1.00 12.45 8.18
N TYR C 66 2.06 12.53 8.98
CA TYR C 66 3.24 13.30 8.58
C TYR C 66 4.04 12.61 7.50
N LYS C 67 4.55 13.38 6.56
CA LYS C 67 5.61 12.88 5.72
C LYS C 67 6.85 12.73 6.62
N ARG C 68 7.89 12.07 6.14
CA ARG C 68 9.08 11.87 6.95
C ARG C 68 10.33 12.22 6.16
N CYS C 69 11.24 13.00 6.76
CA CYS C 69 12.45 13.35 6.02
C CYS C 69 13.34 12.14 6.01
N ARG C 70 14.31 12.14 5.11
CA ARG C 70 15.32 11.11 5.12
C ARG C 70 16.41 11.50 6.14
N HIS C 71 17.36 10.59 6.38
CA HIS C 71 18.46 10.91 7.28
C HIS C 71 19.25 12.05 6.62
N PRO C 72 19.88 12.93 7.44
CA PRO C 72 20.58 14.11 6.91
C PRO C 72 21.95 13.74 6.40
N GLY C 73 22.36 12.54 6.78
CA GLY C 73 23.67 12.03 6.40
C GLY C 73 24.47 11.69 7.63
N GLU C 74 25.58 11.00 7.41
CA GLU C 74 26.47 10.60 8.49
C GLU C 74 27.36 11.78 8.86
N LEU C 75 27.21 12.29 10.08
CA LEU C 75 28.09 13.36 10.54
C LEU C 75 29.44 12.77 10.93
N ARG C 76 30.44 12.99 10.09
CA ARG C 76 31.79 12.51 10.37
C ARG C 76 32.33 13.15 11.64
N ASN C 77 32.77 12.30 12.57
CA ASN C 77 33.39 12.77 13.81
C ASN C 77 32.51 13.69 14.66
N GLY C 78 31.21 13.62 14.40
CA GLY C 78 30.22 14.28 15.22
C GLY C 78 29.04 13.33 15.37
N GLN C 79 28.06 13.70 16.18
CA GLN C 79 26.87 12.87 16.34
C GLN C 79 25.59 13.67 16.06
N VAL C 80 24.59 12.99 15.51
CA VAL C 80 23.29 13.56 15.18
C VAL C 80 22.23 13.08 16.18
N GLU C 81 21.51 14.02 16.80
CA GLU C 81 20.58 13.61 17.84
C GLU C 81 19.13 13.65 17.40
N ILE C 82 18.54 12.46 17.29
CA ILE C 82 17.16 12.38 16.91
C ILE C 82 16.38 12.15 18.18
N LYS C 83 15.92 13.26 18.75
CA LYS C 83 15.01 13.26 19.87
C LYS C 83 13.90 12.24 19.67
N THR C 84 13.29 12.28 18.49
CA THR C 84 12.09 11.50 18.19
C THR C 84 12.15 10.73 16.86
N ASP C 85 11.90 11.46 15.78
CA ASP C 85 11.86 10.90 14.43
C ASP C 85 12.19 12.00 13.47
N LEU C 86 12.11 11.73 12.17
CA LEU C 86 12.43 12.78 11.21
C LEU C 86 11.13 13.25 10.58
N SER C 87 10.05 13.05 11.31
CA SER C 87 8.72 13.36 10.76
C SER C 87 8.47 14.86 10.81
N PHE C 88 8.07 15.44 9.66
CA PHE C 88 7.68 16.86 9.49
C PHE C 88 7.58 17.71 10.76
N GLY C 89 8.36 18.78 10.78
CA GLY C 89 8.39 19.68 11.92
C GLY C 89 8.94 19.07 13.21
N SER C 90 9.74 18.00 13.05
CA SER C 90 10.59 17.48 14.10
C SER C 90 11.96 18.16 13.97
N GLN C 91 12.55 18.54 15.10
CA GLN C 91 13.89 19.15 15.06
C GLN C 91 14.96 18.09 15.31
N ILE C 92 16.09 18.21 14.62
CA ILE C 92 17.26 17.44 15.07
C ILE C 92 18.38 18.39 15.57
N GLU C 93 19.33 17.87 16.35
CA GLU C 93 20.48 18.71 16.76
C GLU C 93 21.78 17.98 16.47
N PHE C 94 22.79 18.69 15.96
CA PHE C 94 24.09 18.04 15.83
C PHE C 94 25.16 18.54 16.85
N SER C 95 26.32 17.91 16.80
CA SER C 95 27.33 18.08 17.85
C SER C 95 28.61 17.34 17.51
N CYS C 96 29.76 17.91 17.88
CA CYS C 96 31.02 17.27 17.53
C CYS C 96 31.63 16.47 18.67
N SER C 97 32.58 15.61 18.29
CA SER C 97 33.39 14.86 19.26
C SER C 97 34.31 15.84 19.99
N GLU C 98 35.01 15.35 21.01
CA GLU C 98 35.80 16.24 21.85
C GLU C 98 36.98 16.89 21.10
N GLY C 99 37.65 16.14 20.25
CA GLY C 99 38.70 16.72 19.41
C GLY C 99 38.29 17.95 18.59
N PHE C 100 37.05 17.93 18.10
CA PHE C 100 36.58 18.77 17.00
C PHE C 100 35.65 19.92 17.39
N PHE C 101 35.45 20.87 16.45
CA PHE C 101 34.41 21.90 16.57
C PHE C 101 33.45 21.98 15.36
N LEU C 102 32.25 22.53 15.59
CA LEU C 102 31.15 22.56 14.62
C LEU C 102 31.21 23.74 13.65
N ILE C 103 31.29 23.44 12.36
CA ILE C 103 31.22 24.48 11.33
C ILE C 103 29.94 24.28 10.49
N GLY C 104 28.99 25.19 10.65
CA GLY C 104 27.66 25.02 10.07
C GLY C 104 26.54 25.25 11.07
N SER C 105 25.48 24.44 11.00
CA SER C 105 24.31 24.67 11.85
C SER C 105 24.17 23.61 12.94
N THR C 106 23.60 24.02 14.06
CA THR C 106 23.56 23.18 15.23
C THR C 106 22.20 22.48 15.28
N THR C 107 21.18 23.16 14.76
CA THR C 107 19.83 22.61 14.66
C THR C 107 19.38 22.41 13.19
N SER C 108 18.48 21.45 12.95
CA SER C 108 17.77 21.33 11.66
C SER C 108 16.32 20.97 11.89
N ARG C 109 15.46 21.56 11.09
CA ARG C 109 14.03 21.26 11.13
C ARG C 109 13.59 20.51 9.86
N CYS C 110 12.73 19.50 10.02
CA CYS C 110 12.10 18.83 8.86
C CYS C 110 10.98 19.71 8.32
N GLU C 111 11.21 20.31 7.15
CA GLU C 111 10.31 21.33 6.64
C GLU C 111 9.75 21.02 5.23
N VAL C 112 8.65 21.67 4.84
CA VAL C 112 8.15 21.49 3.48
C VAL C 112 9.15 22.10 2.52
N GLN C 113 9.60 21.30 1.55
CA GLN C 113 10.53 21.75 0.52
C GLN C 113 9.97 21.31 -0.83
N ASP C 114 9.43 22.28 -1.59
CA ASP C 114 8.52 22.10 -2.73
C ASP C 114 7.66 20.82 -2.70
N ARG C 115 8.01 19.78 -3.45
CA ARG C 115 7.08 18.65 -3.59
C ARG C 115 7.19 17.60 -2.49
N GLY C 116 7.89 17.94 -1.42
CA GLY C 116 8.03 17.04 -0.29
C GLY C 116 8.66 17.70 0.91
N VAL C 117 9.25 16.89 1.77
CA VAL C 117 9.85 17.40 2.98
C VAL C 117 11.37 17.22 2.94
N GLY C 118 12.09 18.29 3.28
CA GLY C 118 13.55 18.22 3.43
C GLY C 118 14.10 18.81 4.74
N TRP C 119 15.38 19.18 4.74
CA TRP C 119 16.06 19.67 5.95
C TRP C 119 16.32 21.17 5.91
N SER C 120 15.74 21.86 6.90
CA SER C 120 15.75 23.32 6.95
C SER C 120 17.19 23.87 6.97
N HIS C 121 18.10 23.14 7.60
CA HIS C 121 19.54 23.35 7.43
C HIS C 121 20.25 22.04 7.09
N PRO C 122 21.28 22.12 6.25
CA PRO C 122 22.12 20.98 5.83
C PRO C 122 23.06 20.47 6.92
N LEU C 123 23.89 19.49 6.57
CA LEU C 123 24.79 18.92 7.55
C LEU C 123 25.92 19.89 7.93
N PRO C 124 26.18 20.01 9.23
CA PRO C 124 27.34 20.83 9.52
C PRO C 124 28.56 19.96 9.30
N GLN C 125 29.75 20.54 9.38
CA GLN C 125 30.95 19.73 9.36
C GLN C 125 31.58 19.72 10.74
N CYS C 126 32.25 18.64 11.07
CA CYS C 126 33.07 18.63 12.26
C CYS C 126 34.54 18.74 11.87
N GLU C 127 35.10 19.93 12.10
CA GLU C 127 36.47 20.26 11.72
C GLU C 127 37.39 20.06 12.93
N ILE C 128 38.70 19.94 12.69
CA ILE C 128 39.66 19.72 13.79
C ILE C 128 39.55 20.78 14.88
N SER D 4 8.88 -19.37 -31.85
CA SER D 4 8.23 -18.16 -31.34
C SER D 4 7.60 -18.39 -29.98
N ASN D 5 7.21 -19.63 -29.71
CA ASN D 5 6.47 -19.96 -28.50
C ASN D 5 7.38 -20.28 -27.29
N CYS D 6 6.78 -20.24 -26.11
CA CYS D 6 7.51 -20.53 -24.87
C CYS D 6 7.44 -22.01 -24.53
N GLY D 7 7.83 -22.32 -23.29
CA GLY D 7 7.73 -23.67 -22.75
C GLY D 7 7.09 -23.61 -21.38
N PRO D 8 7.27 -24.66 -20.57
CA PRO D 8 6.74 -24.70 -19.20
C PRO D 8 7.27 -23.56 -18.31
N PRO D 9 6.43 -23.05 -17.40
CA PRO D 9 6.81 -21.92 -16.56
C PRO D 9 8.03 -22.23 -15.68
N PRO D 10 8.99 -21.28 -15.60
CA PRO D 10 10.17 -21.48 -14.77
C PRO D 10 9.81 -21.47 -13.29
N THR D 11 10.31 -22.45 -12.54
CA THR D 11 10.07 -22.51 -11.10
C THR D 11 10.74 -21.31 -10.43
N LEU D 12 9.93 -20.50 -9.74
CA LEU D 12 10.45 -19.33 -9.05
C LEU D 12 10.98 -19.69 -7.67
N SER D 13 11.62 -18.73 -7.02
CA SER D 13 12.07 -18.93 -5.65
C SER D 13 11.29 -18.03 -4.71
N PHE D 14 10.28 -17.34 -5.24
CA PHE D 14 9.43 -16.48 -4.40
C PHE D 14 7.92 -16.65 -4.63
N ALA D 15 7.53 -17.50 -5.57
CA ALA D 15 6.12 -17.70 -5.84
C ALA D 15 5.87 -18.98 -6.61
N ALA D 16 4.72 -19.61 -6.34
CA ALA D 16 4.35 -20.86 -7.00
C ALA D 16 3.12 -20.65 -7.87
N PRO D 17 3.04 -21.37 -9.01
CA PRO D 17 1.93 -21.22 -9.96
C PRO D 17 0.57 -21.35 -9.29
N ASP D 19 -2.79 -22.55 -10.09
CA ASP D 19 -3.46 -23.84 -10.01
C ASP D 19 -2.46 -24.99 -10.12
N ILE D 20 -2.68 -26.04 -9.31
CA ILE D 20 -1.85 -27.24 -9.38
C ILE D 20 -2.21 -27.99 -10.67
N THR D 21 -1.70 -27.46 -11.78
CA THR D 21 -2.05 -27.96 -13.10
C THR D 21 -0.92 -28.82 -13.68
N LEU D 22 -1.20 -29.46 -14.82
CA LEU D 22 -0.31 -30.43 -15.45
C LEU D 22 0.99 -29.82 -15.97
N THR D 23 0.92 -28.55 -16.35
CA THR D 23 2.02 -27.84 -17.02
C THR D 23 2.32 -28.47 -18.39
N GLU D 24 1.52 -28.10 -19.39
CA GLU D 24 1.71 -28.54 -20.77
C GLU D 24 3.00 -27.96 -21.35
N THR D 25 3.83 -28.81 -21.95
CA THR D 25 5.18 -28.42 -22.35
C THR D 25 5.26 -27.35 -23.46
N ARG D 26 4.12 -26.79 -23.85
CA ARG D 26 4.10 -25.72 -24.84
C ARG D 26 3.02 -24.69 -24.55
N PHE D 27 3.37 -23.42 -24.70
CA PHE D 27 2.42 -22.32 -24.50
C PHE D 27 2.51 -21.30 -25.63
N LYS D 28 1.36 -20.96 -26.20
CA LYS D 28 1.29 -20.00 -27.28
C LYS D 28 1.80 -18.63 -26.83
N THR D 29 2.39 -17.88 -27.76
CA THR D 29 2.92 -16.57 -27.45
C THR D 29 1.81 -15.61 -27.01
N GLY D 30 1.93 -15.10 -25.79
CA GLY D 30 0.92 -14.23 -25.22
C GLY D 30 0.35 -14.74 -23.91
N THR D 31 0.44 -16.05 -23.71
CA THR D 31 -0.11 -16.68 -22.51
C THR D 31 0.58 -16.15 -21.26
N THR D 32 -0.21 -15.81 -20.24
CA THR D 32 0.33 -15.27 -18.99
C THR D 32 -0.10 -16.10 -17.77
N LYS D 34 -0.44 -16.88 -13.62
CA LYS D 34 -0.66 -16.17 -12.37
C LYS D 34 0.04 -16.90 -11.22
N TYR D 35 0.49 -16.14 -10.22
CA TYR D 35 1.29 -16.67 -9.13
C TYR D 35 0.84 -16.18 -7.75
N THR D 36 0.87 -17.05 -6.76
CA THR D 36 0.63 -16.65 -5.38
C THR D 36 1.98 -16.61 -4.64
N CYS D 37 2.14 -15.62 -3.76
CA CYS D 37 3.42 -15.45 -3.06
C CYS D 37 3.70 -16.67 -2.20
N LEU D 38 4.96 -17.10 -2.21
CA LEU D 38 5.39 -18.16 -1.32
C LEU D 38 5.35 -17.68 0.13
N PRO D 39 5.19 -18.61 1.08
CA PRO D 39 5.22 -18.29 2.51
C PRO D 39 6.60 -17.82 2.96
N GLY D 40 6.66 -16.62 3.52
CA GLY D 40 7.93 -16.00 3.80
C GLY D 40 8.10 -14.75 2.96
N TYR D 41 7.26 -14.62 1.93
CA TYR D 41 7.34 -13.47 1.05
C TYR D 41 6.04 -12.67 0.95
N VAL D 42 6.17 -11.38 0.70
CA VAL D 42 5.04 -10.49 0.45
C VAL D 42 5.11 -10.01 -0.98
N ARG D 43 3.98 -9.48 -1.46
CA ARG D 43 3.89 -8.83 -2.75
C ARG D 43 4.76 -7.57 -2.82
N SER D 44 5.56 -7.46 -3.88
CA SER D 44 6.36 -6.26 -4.12
C SER D 44 5.87 -5.47 -5.32
N HIS D 45 5.25 -6.16 -6.27
CA HIS D 45 4.58 -5.47 -7.37
C HIS D 45 3.08 -5.70 -7.31
N SER D 46 2.32 -4.82 -7.94
CA SER D 46 0.87 -4.91 -7.98
C SER D 46 0.41 -6.22 -8.63
N THR D 47 0.58 -6.28 -9.95
CA THR D 47 0.22 -7.49 -10.69
C THR D 47 1.27 -8.57 -10.46
N GLN D 48 0.80 -9.79 -10.29
CA GLN D 48 1.66 -10.92 -9.98
C GLN D 48 1.69 -11.96 -11.09
N THR D 49 2.29 -11.61 -12.22
CA THR D 49 2.22 -12.45 -13.42
C THR D 49 3.54 -12.58 -14.18
N THR D 51 4.66 -12.98 -18.61
CA THR D 51 4.12 -13.03 -19.98
C THR D 51 5.06 -13.71 -20.99
N CYS D 52 4.49 -14.14 -22.11
CA CYS D 52 5.24 -14.78 -23.18
C CYS D 52 5.37 -13.84 -24.38
N ASN D 53 6.59 -13.37 -24.64
CA ASN D 53 6.84 -12.47 -25.76
C ASN D 53 7.02 -13.23 -27.09
N SER D 54 7.38 -12.50 -28.14
CA SER D 54 7.57 -13.12 -29.45
C SER D 54 9.01 -13.58 -29.65
N ASP D 55 9.69 -13.84 -28.54
CA ASP D 55 11.09 -14.30 -28.58
C ASP D 55 11.21 -15.73 -28.06
N GLY D 56 10.08 -16.36 -27.75
CA GLY D 56 10.07 -17.69 -27.17
C GLY D 56 10.64 -17.71 -25.75
N GLU D 57 10.29 -16.68 -24.98
CA GLU D 57 10.82 -16.54 -23.63
C GLU D 57 9.75 -16.08 -22.64
N TRP D 58 9.97 -16.39 -21.35
CA TRP D 58 9.11 -15.91 -20.27
C TRP D 58 9.72 -14.67 -19.62
N VAL D 59 9.13 -13.50 -19.82
CA VAL D 59 9.65 -12.28 -19.21
C VAL D 59 8.70 -11.74 -18.14
N TYR D 60 9.28 -11.22 -17.04
CA TYR D 60 8.49 -10.81 -15.89
C TYR D 60 9.24 -9.91 -14.91
N ASN D 61 8.56 -9.55 -13.84
CA ASN D 61 9.16 -8.75 -12.78
C ASN D 61 9.53 -9.61 -11.59
N THR D 62 10.21 -9.01 -10.61
CA THR D 62 10.50 -9.68 -9.35
C THR D 62 9.46 -9.22 -8.32
N PHE D 63 8.35 -9.96 -8.20
CA PHE D 63 7.15 -9.40 -7.57
C PHE D 63 6.83 -9.95 -6.17
N CYS D 64 7.71 -10.76 -5.61
CA CYS D 64 7.63 -11.11 -4.20
C CYS D 64 8.98 -10.91 -3.49
N ILE D 65 8.97 -10.07 -2.46
CA ILE D 65 10.15 -9.85 -1.62
C ILE D 65 9.97 -10.50 -0.26
N TYR D 66 11.02 -10.48 0.56
CA TYR D 66 10.97 -11.09 1.89
C TYR D 66 10.09 -10.30 2.86
N LYS D 67 9.32 -11.04 3.65
CA LYS D 67 8.65 -10.46 4.80
C LYS D 67 9.71 -10.06 5.84
N ARG D 68 9.45 -8.97 6.57
CA ARG D 68 10.36 -8.48 7.61
C ARG D 68 9.89 -8.96 8.99
N CYS D 69 10.77 -9.67 9.71
CA CYS D 69 10.43 -10.03 11.08
C CYS D 69 10.40 -8.76 11.93
N ARG D 70 9.64 -8.82 13.02
CA ARG D 70 9.64 -7.72 13.94
C ARG D 70 10.91 -7.84 14.79
N HIS D 71 11.33 -6.77 15.43
CA HIS D 71 12.45 -6.90 16.35
C HIS D 71 12.00 -7.84 17.47
N PRO D 72 12.90 -8.75 17.93
CA PRO D 72 12.53 -9.46 19.17
C PRO D 72 12.77 -8.44 20.26
N GLY D 73 12.21 -8.61 21.44
CA GLY D 73 12.39 -7.58 22.47
C GLY D 73 13.80 -7.03 22.78
N GLU D 74 13.86 -6.13 23.75
CA GLU D 74 15.13 -5.67 24.28
C GLU D 74 15.88 -6.79 25.02
N LEU D 75 17.20 -6.92 24.84
CA LEU D 75 17.97 -7.91 25.64
C LEU D 75 18.77 -7.27 26.78
N ARG D 76 18.16 -7.17 27.96
CA ARG D 76 18.82 -6.56 29.11
C ARG D 76 20.09 -7.30 29.44
N ASN D 77 21.16 -6.53 29.65
CA ASN D 77 22.49 -7.05 29.95
C ASN D 77 23.04 -7.91 28.83
N GLY D 78 22.61 -7.57 27.61
CA GLY D 78 23.02 -8.28 26.42
C GLY D 78 22.97 -7.47 25.14
N GLN D 79 23.62 -8.00 24.11
CA GLN D 79 23.62 -7.41 22.78
C GLN D 79 22.76 -8.27 21.87
N VAL D 80 21.95 -7.61 21.03
CA VAL D 80 21.24 -8.26 19.93
C VAL D 80 21.95 -7.94 18.62
N GLU D 81 22.49 -8.95 17.96
CA GLU D 81 23.35 -8.69 16.81
C GLU D 81 22.64 -8.93 15.47
N ILE D 82 22.50 -7.85 14.71
CA ILE D 82 21.87 -7.95 13.41
C ILE D 82 22.91 -7.70 12.33
N LYS D 83 23.43 -8.80 11.78
CA LYS D 83 24.39 -8.73 10.68
C LYS D 83 23.85 -7.92 9.52
N THR D 84 22.58 -8.15 9.22
CA THR D 84 21.98 -7.80 7.93
C THR D 84 20.68 -7.01 8.05
N ASP D 85 19.63 -7.75 8.45
CA ASP D 85 18.29 -7.25 8.64
C ASP D 85 17.44 -8.37 9.24
N LEU D 86 16.16 -8.12 9.42
CA LEU D 86 15.32 -9.14 10.02
C LEU D 86 14.46 -9.84 8.97
N SER D 87 14.86 -9.69 7.71
CA SER D 87 14.20 -10.34 6.58
C SER D 87 14.14 -11.85 6.76
N PHE D 88 13.04 -12.44 6.28
CA PHE D 88 12.82 -13.88 6.21
C PHE D 88 14.11 -14.64 5.90
N GLY D 89 14.40 -15.67 6.69
CA GLY D 89 15.67 -16.36 6.55
C GLY D 89 16.88 -15.82 7.32
N SER D 90 17.05 -14.50 7.35
CA SER D 90 18.18 -13.88 8.06
C SER D 90 18.30 -14.37 9.51
N GLN D 91 19.53 -14.60 9.96
CA GLN D 91 19.80 -15.00 11.35
C GLN D 91 20.18 -13.80 12.19
N ILE D 92 19.72 -13.79 13.43
CA ILE D 92 20.29 -12.89 14.42
C ILE D 92 20.94 -13.69 15.54
N GLU D 93 21.98 -13.13 16.14
CA GLU D 93 22.70 -13.79 17.23
C GLU D 93 22.63 -12.94 18.50
N PHE D 94 22.53 -13.61 19.64
CA PHE D 94 22.51 -12.89 20.90
C PHE D 94 23.81 -13.10 21.66
N SER D 95 24.06 -12.23 22.62
CA SER D 95 25.19 -12.41 23.54
C SER D 95 25.02 -11.53 24.76
N CYS D 96 25.65 -11.95 25.86
CA CYS D 96 25.54 -11.21 27.11
C CYS D 96 26.72 -10.29 27.36
N SER D 97 26.56 -9.48 28.39
CA SER D 97 27.67 -8.70 28.94
C SER D 97 28.66 -9.60 29.68
N GLU D 98 29.77 -8.98 30.08
CA GLU D 98 30.95 -9.66 30.61
C GLU D 98 30.69 -10.56 31.83
N GLY D 99 30.13 -10.00 32.89
CA GLY D 99 29.84 -10.82 34.06
C GLY D 99 28.77 -11.84 33.74
N PHE D 100 27.86 -11.41 32.87
CA PHE D 100 26.61 -12.09 32.62
C PHE D 100 26.70 -13.33 31.76
N PHE D 101 25.93 -14.36 32.15
CA PHE D 101 25.81 -15.59 31.37
C PHE D 101 24.44 -15.73 30.68
N LEU D 102 24.44 -16.48 29.57
CA LEU D 102 23.29 -16.57 28.64
C LEU D 102 22.43 -17.82 28.86
N ILE D 103 21.24 -17.63 29.40
CA ILE D 103 20.30 -18.74 29.60
C ILE D 103 19.26 -18.82 28.45
N GLY D 104 19.66 -19.44 27.36
CA GLY D 104 18.78 -19.64 26.23
C GLY D 104 19.50 -20.13 24.99
N SER D 105 18.99 -19.74 23.83
CA SER D 105 19.61 -20.07 22.57
C SER D 105 20.55 -18.93 22.18
N THR D 106 21.65 -19.28 21.51
CA THR D 106 22.60 -18.27 21.07
C THR D 106 22.07 -17.52 19.83
N THR D 107 21.33 -18.20 18.98
CA THR D 107 20.88 -17.63 17.70
C THR D 107 19.39 -17.87 17.41
N SER D 108 18.83 -17.01 16.57
CA SER D 108 17.43 -17.14 16.17
C SER D 108 17.23 -16.89 14.68
N ARG D 109 16.44 -17.75 14.03
CA ARG D 109 16.14 -17.62 12.59
C ARG D 109 14.78 -16.97 12.44
N CYS D 110 14.66 -16.11 11.44
CA CYS D 110 13.35 -15.56 11.03
C CYS D 110 12.64 -16.55 10.13
N GLU D 111 11.77 -17.39 10.70
CA GLU D 111 11.06 -18.37 9.89
C GLU D 111 9.58 -18.03 9.83
N VAL D 112 8.79 -18.85 9.13
CA VAL D 112 7.36 -18.61 9.08
C VAL D 112 6.71 -19.00 10.38
N GLN D 113 5.82 -18.16 10.90
CA GLN D 113 5.01 -18.51 12.06
C GLN D 113 3.63 -17.99 11.75
N ASP D 114 2.60 -18.79 12.04
CA ASP D 114 1.26 -18.59 11.48
C ASP D 114 1.38 -18.57 9.98
N ARG D 115 0.99 -17.45 9.36
CA ARG D 115 1.09 -17.33 7.91
C ARG D 115 1.87 -16.05 7.58
N GLY D 116 2.29 -15.36 8.63
CA GLY D 116 3.33 -14.34 8.54
C GLY D 116 4.67 -14.90 9.03
N VAL D 117 5.50 -14.08 9.68
CA VAL D 117 6.84 -14.54 10.06
C VAL D 117 7.22 -14.23 11.51
N GLY D 118 7.96 -15.14 12.11
CA GLY D 118 8.36 -14.98 13.51
C GLY D 118 9.80 -15.33 13.76
N TRP D 119 10.13 -15.52 15.04
CA TRP D 119 11.49 -15.87 15.47
C TRP D 119 11.56 -17.34 15.90
N SER D 120 12.47 -18.08 15.26
CA SER D 120 12.60 -19.51 15.50
C SER D 120 12.84 -19.80 16.98
N HIS D 121 13.75 -19.04 17.60
CA HIS D 121 14.02 -19.17 19.03
C HIS D 121 13.71 -17.86 19.75
N PRO D 122 13.20 -17.96 20.99
CA PRO D 122 12.79 -16.78 21.76
C PRO D 122 13.99 -16.04 22.32
N LEU D 123 13.79 -14.84 22.85
CA LEU D 123 14.91 -14.07 23.42
C LEU D 123 15.52 -14.85 24.58
N PRO D 124 16.85 -14.95 24.60
CA PRO D 124 17.51 -15.59 25.75
C PRO D 124 17.44 -14.74 27.00
N GLN D 125 17.86 -15.33 28.11
CA GLN D 125 17.98 -14.62 29.39
C GLN D 125 19.41 -14.17 29.57
N CYS D 126 19.59 -13.01 30.19
CA CYS D 126 20.95 -12.62 30.55
C CYS D 126 21.06 -12.31 32.05
N GLU D 127 21.35 -13.35 32.85
CA GLU D 127 21.32 -13.22 34.31
C GLU D 127 22.67 -13.38 34.96
N ILE D 128 22.71 -13.22 36.28
CA ILE D 128 23.94 -13.43 37.06
C ILE D 128 23.65 -13.99 38.46
#